data_3GAO
#
_entry.id   3GAO
#
_cell.length_a   131.351
_cell.length_b   35.099
_cell.length_c   42.248
_cell.angle_alpha   90.00
_cell.angle_beta   90.38
_cell.angle_gamma   90.00
#
_symmetry.space_group_name_H-M   'C 1 2 1'
#
loop_
_entity.id
_entity.type
_entity.pdbx_description
1 polymer 'Guanine riboswitch'
2 non-polymer XANTHINE
3 non-polymer 'ACETATE ION'
4 non-polymer 'COBALT HEXAMMINE(III)'
5 non-polymer 'MAGNESIUM ION'
6 water water
#
_entity_poly.entity_id   1
_entity_poly.type   'polyribonucleotide'
_entity_poly.pdbx_seq_one_letter_code
;GGACAUAUAAUCGCGUGGAUAUGGCACGCAAGUUUCUACCGGGCACCGUAAAUGUCCGACUAUGUCC
;
_entity_poly.pdbx_strand_id   A
#
loop_
_chem_comp.id
_chem_comp.type
_chem_comp.name
_chem_comp.formula
A RNA linking ADENOSINE-5'-MONOPHOSPHATE 'C10 H14 N5 O7 P'
ACT non-polymer 'ACETATE ION' 'C2 H3 O2 -1'
C RNA linking CYTIDINE-5'-MONOPHOSPHATE 'C9 H14 N3 O8 P'
G RNA linking GUANOSINE-5'-MONOPHOSPHATE 'C10 H14 N5 O8 P'
MG non-polymer 'MAGNESIUM ION' 'Mg 2'
NCO non-polymer 'COBALT HEXAMMINE(III)' 'Co H18 N6 3'
U RNA linking URIDINE-5'-MONOPHOSPHATE 'C9 H13 N2 O9 P'
XAN non-polymer XANTHINE 'C5 H4 N4 O2'
#
# COMPACT_ATOMS: atom_id res chain seq x y z
N9 XAN B . 2.76 -13.17 -6.78
C4 XAN B . 2.13 -13.20 -5.57
N3 XAN B . 0.78 -13.27 -5.39
C2 XAN B . 0.38 -13.29 -4.06
O2 XAN B . -0.83 -13.36 -3.76
N1 XAN B . 1.35 -13.23 -3.03
C6 XAN B . 2.76 -13.16 -3.20
O6 XAN B . 3.50 -13.11 -2.23
C5 XAN B . 3.12 -13.13 -4.60
N7 XAN B . 4.36 -13.08 -5.21
C8 XAN B . 4.10 -13.09 -6.49
C ACT C . -3.83 11.05 1.36
O ACT C . -4.47 10.65 2.36
OXT ACT C . -4.30 11.66 0.29
CH3 ACT C . -2.34 10.83 1.39
CO NCO D . 4.90 10.94 -4.54
N1 NCO D . 4.43 12.63 -3.66
N2 NCO D . 5.37 9.24 -5.40
N3 NCO D . 6.73 11.09 -3.83
N4 NCO D . 3.07 10.79 -5.24
N5 NCO D . 4.37 9.95 -2.92
N6 NCO D . 5.44 11.92 -6.15
CO NCO E . -9.82 3.32 8.02
N1 NCO E . -8.49 3.96 9.31
N2 NCO E . -11.15 2.68 6.72
N3 NCO E . -8.75 1.71 7.70
N4 NCO E . -10.88 4.93 8.33
N5 NCO E . -10.79 2.40 9.47
N6 NCO E . -8.85 4.24 6.57
CO NCO F . -0.90 2.68 6.20
N1 NCO F . 0.29 3.09 7.72
N2 NCO F . -2.09 2.27 4.69
N3 NCO F . -1.03 0.81 6.80
N4 NCO F . -0.77 4.55 5.61
N5 NCO F . -2.46 3.14 7.32
N6 NCO F . 0.67 2.22 5.10
CO NCO G . -4.69 13.95 -5.42
N1 NCO G . -3.84 14.87 -3.92
N2 NCO G . -5.56 13.01 -6.92
N3 NCO G . -2.96 13.78 -6.32
N4 NCO G . -6.43 14.10 -4.50
N5 NCO G . -4.38 12.21 -4.52
N6 NCO G . -5.01 15.67 -6.31
CO NCO H . -3.61 8.56 13.72
N1 NCO H . -2.24 8.20 15.09
N2 NCO H . -4.99 8.93 12.37
N3 NCO H . -2.42 7.85 12.33
N4 NCO H . -4.80 9.28 15.12
N5 NCO H . -4.36 6.77 14.00
N6 NCO H . -2.87 10.35 13.44
CO NCO I . 9.61 5.45 -2.32
N1 NCO I . 9.77 5.26 -0.37
N2 NCO I . 9.44 5.64 -4.27
N3 NCO I . 10.04 3.55 -2.54
N4 NCO I . 9.17 7.36 -2.10
N5 NCO I . 7.69 5.01 -2.20
N6 NCO I . 11.51 5.90 -2.44
CO NCO J . -8.71 -2.22 -4.16
N1 NCO J . -8.06 -3.84 -3.25
N2 NCO J . -9.37 -0.61 -5.05
N3 NCO J . -7.57 -2.62 -5.70
N4 NCO J . -9.86 -1.83 -2.60
N5 NCO J . -10.17 -3.27 -4.97
N6 NCO J . -7.26 -1.18 -3.34
CO NCO K . -1.16 -9.80 -14.39
N1 NCO K . -0.82 -9.19 -12.56
N2 NCO K . -1.51 -10.40 -16.24
N3 NCO K . -1.62 -11.58 -13.72
N4 NCO K . -0.69 -8.01 -15.07
N5 NCO K . -3.04 -9.24 -14.22
N6 NCO K . 0.72 -10.35 -14.57
CO NCO L . 9.62 -6.24 5.49
N1 NCO L . 10.79 -4.68 5.80
N2 NCO L . 8.46 -7.79 5.19
N3 NCO L . 10.22 -7.02 7.19
N4 NCO L . 9.02 -5.45 3.80
N5 NCO L . 8.16 -5.33 6.43
N6 NCO L . 11.08 -7.14 4.55
CO NCO M . 16.21 -12.38 -6.75
N1 NCO M . 16.89 -11.95 -4.95
N2 NCO M . 15.55 -12.83 -8.55
N3 NCO M . 16.51 -14.30 -6.39
N4 NCO M . 15.92 -10.48 -7.10
N5 NCO M . 14.40 -12.54 -6.03
N6 NCO M . 18.04 -12.23 -7.47
CO NCO N . -10.36 19.19 -1.28
N1 NCO N . -9.17 19.03 0.28
N2 NCO N . -11.55 19.37 -2.83
N3 NCO N . -10.62 17.24 -1.29
N4 NCO N . -10.11 21.15 -1.26
N5 NCO N . -11.90 19.39 -0.08
N6 NCO N . -8.82 19.01 -2.48
CO NCO O . 7.41 -14.91 9.74
N1 NCO O . 7.62 -16.00 11.36
N2 NCO O . 7.22 -13.81 8.12
N3 NCO O . 6.34 -16.32 8.91
N4 NCO O . 8.50 -13.49 10.57
N5 NCO O . 5.79 -14.10 10.49
N6 NCO O . 9.04 -15.71 9.00
CO NCO P . -10.97 -2.19 2.05
N1 NCO P . -11.08 -3.64 0.75
N2 NCO P . -10.86 -0.73 3.33
N3 NCO P . -9.27 -1.62 1.26
N4 NCO P . -12.66 -2.75 2.83
N5 NCO P . -11.94 -1.02 0.81
N6 NCO P . -10.01 -3.35 3.28
MG MG Q . 7.87 -13.60 0.25
#